data_6OUY
#
_entry.id   6OUY
#
_cell.length_a   70.910
_cell.length_b   70.910
_cell.length_c   203.290
_cell.angle_alpha   90.000
_cell.angle_beta   90.000
_cell.angle_gamma   120.000
#
_symmetry.space_group_name_H-M   'P 65 2 2'
#
loop_
_entity.id
_entity.type
_entity.pdbx_description
1 polymer 'Tryptophan synthase alpha chain'
2 non-polymer 'DIMETHYL SULFOXIDE'
3 non-polymer 'SULFATE ION'
4 non-polymer 'CHLORIDE ION'
5 water water
#
_entity_poly.entity_id   1
_entity_poly.type   'polypeptide(L)'
_entity_poly.pdbx_seq_one_letter_code
;MERYENLFAQLNDRREGAFVPFVTLGDPGIEQSLKIIDTLIDAGADALELGVPFSDPLADGPTIQNANLRAFAAGVTPAQ
CFEMLALIREKHPTIPIGLLMYANLVFNNGIDAFYARCEQVGVDSVLVADVPVEESAPFRQAALRHNIAPIFICPPNADD
DLLRQVASYGRGYTYLLSRSGVTGAENRGALPLHHLIEKLKEYHAAPALQGFGISSPEQVSAAVRAGAAGAISGSAIVKI
IEKNLASPKQMLAELRSFVSAMKAASRA
;
_entity_poly.pdbx_strand_id   A
#
# COMPACT_ATOMS: atom_id res chain seq x y z
N MET A 1 -14.96 7.40 -4.15
CA MET A 1 -14.70 8.70 -4.85
C MET A 1 -14.02 8.52 -6.18
N GLU A 2 -13.88 7.24 -6.61
CA GLU A 2 -13.26 6.84 -7.87
C GLU A 2 -11.76 7.04 -7.91
N ARG A 3 -11.06 7.20 -6.76
CA ARG A 3 -9.64 7.57 -6.87
C ARG A 3 -8.82 6.48 -7.52
N TYR A 4 -9.04 5.20 -7.14
CA TYR A 4 -8.27 4.14 -7.80
C TYR A 4 -8.69 3.98 -9.25
N GLU A 5 -10.01 3.95 -9.52
CA GLU A 5 -10.44 3.74 -10.90
C GLU A 5 -9.87 4.81 -11.79
N ASN A 6 -9.92 6.06 -11.31
CA ASN A 6 -9.40 7.16 -12.15
C ASN A 6 -7.90 7.04 -12.33
N LEU A 7 -7.16 6.69 -11.26
CA LEU A 7 -5.72 6.50 -11.41
C LEU A 7 -5.42 5.46 -12.48
N PHE A 8 -6.07 4.31 -12.40
CA PHE A 8 -5.66 3.28 -13.35
C PHE A 8 -6.05 3.67 -14.76
N ALA A 9 -7.13 4.41 -14.92
CA ALA A 9 -7.48 4.82 -16.29
C ALA A 9 -6.44 5.79 -16.81
N GLN A 10 -6.02 6.72 -15.95
CA GLN A 10 -5.02 7.69 -16.38
C GLN A 10 -3.66 7.01 -16.57
N LEU A 11 -3.33 5.99 -15.78
CA LEU A 11 -2.10 5.26 -16.04
C LEU A 11 -2.16 4.57 -17.39
N ASN A 12 -3.34 4.06 -17.77
CA ASN A 12 -3.51 3.53 -19.11
C ASN A 12 -3.29 4.61 -20.18
N ASP A 13 -3.80 5.82 -19.94
CA ASP A 13 -3.49 6.89 -20.88
C ASP A 13 -1.98 7.06 -21.05
N ARG A 14 -1.24 6.99 -19.92
CA ARG A 14 0.20 7.20 -19.89
C ARG A 14 0.98 5.98 -20.33
N ARG A 15 0.34 4.85 -20.57
CA ARG A 15 1.01 3.57 -20.83
C ARG A 15 2.07 3.29 -19.77
N GLU A 16 1.63 3.36 -18.49
CA GLU A 16 2.48 3.18 -17.31
C GLU A 16 1.83 2.20 -16.36
N GLY A 17 2.70 1.54 -15.61
CA GLY A 17 2.26 0.79 -14.45
C GLY A 17 2.26 1.70 -13.24
N ALA A 18 1.46 1.35 -12.24
CA ALA A 18 1.43 2.14 -10.99
C ALA A 18 2.65 1.81 -10.14
N PHE A 19 3.23 2.82 -9.49
CA PHE A 19 4.18 2.60 -8.40
C PHE A 19 3.60 3.14 -7.10
N VAL A 20 3.50 2.26 -6.10
CA VAL A 20 2.81 2.53 -4.82
C VAL A 20 3.82 2.25 -3.70
N PRO A 21 4.43 3.26 -3.11
CA PRO A 21 5.32 3.05 -1.99
C PRO A 21 4.54 2.74 -0.72
N PHE A 22 5.10 1.88 0.12
CA PHE A 22 4.65 1.75 1.51
C PHE A 22 5.55 2.57 2.42
N VAL A 23 4.92 3.29 3.39
CA VAL A 23 5.64 3.77 4.57
C VAL A 23 4.77 3.61 5.81
N THR A 24 5.43 3.65 6.97
CA THR A 24 4.76 3.63 8.27
C THR A 24 4.47 5.06 8.69
N LEU A 25 3.21 5.33 9.00
CA LEU A 25 2.80 6.65 9.45
C LEU A 25 3.55 7.05 10.71
N GLY A 26 4.15 8.24 10.70
CA GLY A 26 4.82 8.66 11.91
C GLY A 26 6.25 8.23 11.99
N ASP A 27 6.76 7.49 11.00
CA ASP A 27 8.17 7.09 10.98
C ASP A 27 8.94 8.10 10.14
N PRO A 28 9.91 8.84 10.71
CA PRO A 28 10.51 8.69 12.04
C PRO A 28 10.00 9.71 13.02
N GLY A 29 9.07 10.58 12.55
CA GLY A 29 8.30 11.44 13.44
C GLY A 29 7.10 11.94 12.67
N ILE A 30 6.21 12.66 13.35
CA ILE A 30 4.97 13.06 12.66
C ILE A 30 5.29 13.96 11.48
N GLU A 31 6.00 15.08 11.75
CA GLU A 31 6.27 16.04 10.68
C GLU A 31 7.19 15.45 9.62
N GLN A 32 8.20 14.69 10.04
CA GLN A 32 9.08 14.13 8.99
C GLN A 32 8.30 13.17 8.12
N SER A 33 7.37 12.41 8.70
CA SER A 33 6.65 11.42 7.90
C SER A 33 5.71 12.14 6.94
N LEU A 34 5.05 13.22 7.38
CA LEU A 34 4.26 14.05 6.48
C LEU A 34 5.09 14.53 5.30
N LYS A 35 6.31 15.01 5.56
CA LYS A 35 7.10 15.53 4.46
C LYS A 35 7.68 14.42 3.59
N ILE A 36 7.98 13.26 4.18
CA ILE A 36 8.38 12.10 3.36
C ILE A 36 7.29 11.79 2.37
N ILE A 37 6.04 11.78 2.87
CA ILE A 37 4.89 11.46 2.03
C ILE A 37 4.70 12.51 0.94
N ASP A 38 4.80 13.80 1.26
CA ASP A 38 4.69 14.82 0.22
C ASP A 38 5.75 14.64 -0.85
N THR A 39 6.98 14.26 -0.43
CA THR A 39 8.11 14.02 -1.34
C THR A 39 7.82 12.83 -2.25
N LEU A 40 7.31 11.74 -1.69
CA LEU A 40 7.00 10.59 -2.52
C LEU A 40 5.98 10.98 -3.58
N ILE A 41 4.98 11.76 -3.17
CA ILE A 41 3.94 12.16 -4.11
C ILE A 41 4.50 13.09 -5.17
N ASP A 42 5.28 14.08 -4.74
CA ASP A 42 5.84 15.04 -5.69
C ASP A 42 6.78 14.39 -6.67
N ALA A 43 7.42 13.29 -6.26
CA ALA A 43 8.35 12.57 -7.12
C ALA A 43 7.68 11.61 -8.07
N GLY A 44 6.37 11.42 -7.95
CA GLY A 44 5.66 10.58 -8.92
C GLY A 44 4.97 9.33 -8.40
N ALA A 45 4.94 9.11 -7.09
CA ALA A 45 4.21 7.97 -6.55
C ALA A 45 2.74 8.07 -6.98
N ASP A 46 2.19 6.96 -7.42
CA ASP A 46 0.85 6.97 -8.02
C ASP A 46 -0.24 6.81 -6.98
N ALA A 47 0.05 6.04 -5.92
CA ALA A 47 -0.87 5.89 -4.81
C ALA A 47 0.01 5.67 -3.58
N LEU A 48 -0.60 5.68 -2.40
CA LEU A 48 0.14 5.45 -1.18
C LEU A 48 -0.39 4.22 -0.45
N GLU A 49 0.53 3.47 0.12
N GLU A 49 0.53 3.50 0.19
CA GLU A 49 0.16 2.42 1.08
CA GLU A 49 0.17 2.37 1.07
C GLU A 49 0.74 2.88 2.40
C GLU A 49 0.74 2.72 2.44
N LEU A 50 -0.12 3.12 3.38
CA LEU A 50 0.33 3.75 4.63
C LEU A 50 0.04 2.83 5.80
N GLY A 51 1.05 2.55 6.60
CA GLY A 51 0.85 1.62 7.73
C GLY A 51 0.57 2.35 9.04
N VAL A 52 -0.45 1.86 9.76
CA VAL A 52 -0.59 2.28 11.15
C VAL A 52 0.39 1.43 11.94
N PRO A 53 1.24 2.02 12.77
CA PRO A 53 2.27 1.19 13.43
C PRO A 53 1.68 -0.05 14.10
N PHE A 54 2.36 -1.17 13.90
CA PHE A 54 1.88 -2.45 14.38
C PHE A 54 3.08 -3.17 14.95
N SER A 55 2.91 -4.47 15.23
CA SER A 55 4.03 -5.24 15.75
C SER A 55 3.86 -6.65 15.23
N ASP A 56 4.77 -7.09 14.39
CA ASP A 56 4.74 -8.47 13.91
C ASP A 56 6.17 -8.99 13.85
N PRO A 57 6.86 -9.04 15.00
CA PRO A 57 8.30 -9.34 14.98
C PRO A 57 8.66 -10.73 14.56
N LEU A 58 7.78 -11.73 14.73
CA LEU A 58 8.16 -13.09 14.36
C LEU A 58 8.30 -13.24 12.87
N ALA A 59 7.64 -12.39 12.13
CA ALA A 59 7.52 -12.55 10.71
C ALA A 59 8.20 -11.45 9.93
N ASP A 60 8.13 -10.21 10.43
CA ASP A 60 8.71 -9.08 9.71
C ASP A 60 10.22 -9.19 9.66
N GLY A 61 10.79 -8.71 8.56
CA GLY A 61 12.20 -8.42 8.54
C GLY A 61 12.53 -7.19 9.37
N PRO A 62 13.83 -6.93 9.50
CA PRO A 62 14.29 -5.82 10.35
C PRO A 62 13.86 -4.46 9.87
N THR A 63 13.71 -4.27 8.55
CA THR A 63 13.30 -2.96 8.07
C THR A 63 11.93 -2.58 8.61
N ILE A 64 10.94 -3.46 8.44
CA ILE A 64 9.58 -3.10 8.83
C ILE A 64 9.45 -3.09 10.35
N GLN A 65 10.09 -4.06 11.03
CA GLN A 65 10.10 -4.04 12.49
C GLN A 65 10.71 -2.74 13.03
N ASN A 66 11.84 -2.30 12.49
CA ASN A 66 12.47 -1.10 13.04
C ASN A 66 11.63 0.16 12.79
N ALA A 67 10.97 0.23 11.65
CA ALA A 67 10.10 1.37 11.37
C ALA A 67 8.96 1.44 12.37
N ASN A 68 8.32 0.29 12.65
CA ASN A 68 7.31 0.26 13.71
C ASN A 68 7.89 0.75 15.01
N LEU A 69 9.08 0.28 15.35
CA LEU A 69 9.67 0.73 16.61
C LEU A 69 9.99 2.20 16.59
N ARG A 70 10.42 2.76 15.44
CA ARG A 70 10.73 4.18 15.44
C ARG A 70 9.47 4.99 15.64
N ALA A 71 8.36 4.56 15.02
CA ALA A 71 7.12 5.31 15.16
C ALA A 71 6.63 5.28 16.59
N PHE A 72 6.59 4.09 17.21
CA PHE A 72 6.17 4.05 18.61
C PHE A 72 7.11 4.88 19.49
N ALA A 73 8.41 4.89 19.14
CA ALA A 73 9.34 5.67 19.96
C ALA A 73 9.11 7.17 19.84
N ALA A 74 8.62 7.63 18.68
CA ALA A 74 8.20 9.01 18.50
C ALA A 74 6.87 9.33 19.16
N GLY A 75 6.28 8.37 19.87
CA GLY A 75 4.97 8.56 20.49
C GLY A 75 3.78 8.50 19.57
N VAL A 76 3.90 7.87 18.41
CA VAL A 76 2.78 7.84 17.48
C VAL A 76 1.66 6.98 18.03
N THR A 77 0.41 7.43 17.83
CA THR A 77 -0.76 6.70 18.23
C THR A 77 -1.66 6.60 17.02
N PRO A 78 -2.64 5.68 17.04
CA PRO A 78 -3.65 5.66 15.97
C PRO A 78 -4.34 6.99 15.81
N ALA A 79 -4.65 7.72 16.88
CA ALA A 79 -5.31 9.01 16.72
C ALA A 79 -4.46 9.94 15.87
N GLN A 80 -3.16 9.99 16.14
CA GLN A 80 -2.31 10.90 15.37
C GLN A 80 -2.23 10.42 13.92
N CYS A 81 -2.22 9.10 13.74
CA CYS A 81 -2.23 8.55 12.37
C CYS A 81 -3.44 9.07 11.61
N PHE A 82 -4.62 9.07 12.25
CA PHE A 82 -5.81 9.48 11.49
C PHE A 82 -5.78 10.97 11.18
N GLU A 83 -5.20 11.77 12.07
N GLU A 83 -5.20 11.77 12.07
CA GLU A 83 -5.08 13.19 11.78
CA GLU A 83 -5.05 13.20 11.76
C GLU A 83 -4.06 13.43 10.65
C GLU A 83 -4.06 13.41 10.62
N MET A 84 -2.96 12.66 10.63
CA MET A 84 -2.01 12.70 9.51
C MET A 84 -2.73 12.34 8.23
N LEU A 85 -3.51 11.25 8.25
CA LEU A 85 -4.25 10.83 7.04
C LEU A 85 -5.16 11.94 6.54
N ALA A 86 -5.87 12.61 7.47
CA ALA A 86 -6.76 13.70 7.08
C ALA A 86 -5.97 14.82 6.43
N LEU A 87 -4.80 15.17 6.99
CA LEU A 87 -3.97 16.23 6.40
C LEU A 87 -3.45 15.84 5.01
N ILE A 88 -3.01 14.60 4.84
CA ILE A 88 -2.50 14.17 3.54
C ILE A 88 -3.61 14.27 2.50
N ARG A 89 -4.80 13.82 2.87
CA ARG A 89 -5.94 13.91 1.96
C ARG A 89 -6.32 15.35 1.63
N GLU A 90 -6.30 16.25 2.61
CA GLU A 90 -6.63 17.64 2.32
C GLU A 90 -5.62 18.26 1.36
N LYS A 91 -4.33 17.93 1.54
CA LYS A 91 -3.29 18.51 0.67
C LYS A 91 -3.29 17.86 -0.69
N HIS A 92 -3.71 16.62 -0.79
CA HIS A 92 -3.64 15.85 -2.04
C HIS A 92 -4.98 15.15 -2.29
N PRO A 93 -5.96 15.86 -2.84
CA PRO A 93 -7.31 15.33 -2.85
C PRO A 93 -7.53 14.15 -3.76
N THR A 94 -6.66 13.93 -4.75
CA THR A 94 -6.97 12.89 -5.72
C THR A 94 -6.14 11.62 -5.55
N ILE A 95 -5.12 11.62 -4.71
CA ILE A 95 -4.23 10.46 -4.70
C ILE A 95 -4.94 9.32 -3.96
N PRO A 96 -4.90 8.07 -4.47
CA PRO A 96 -5.52 7.00 -3.72
C PRO A 96 -4.70 6.72 -2.47
N ILE A 97 -5.38 6.57 -1.33
CA ILE A 97 -4.72 6.34 -0.06
C ILE A 97 -5.17 4.99 0.44
N GLY A 98 -4.25 4.04 0.57
CA GLY A 98 -4.54 2.72 1.10
C GLY A 98 -3.91 2.57 2.46
N LEU A 99 -4.72 2.15 3.43
CA LEU A 99 -4.18 1.81 4.73
C LEU A 99 -3.80 0.35 4.80
N LEU A 100 -2.72 0.08 5.52
CA LEU A 100 -2.31 -1.27 5.86
C LEU A 100 -2.32 -1.34 7.36
N MET A 101 -3.06 -2.29 7.91
CA MET A 101 -3.02 -2.37 9.36
C MET A 101 -3.30 -3.79 9.82
N TYR A 102 -3.11 -3.96 11.11
CA TYR A 102 -3.23 -5.27 11.70
C TYR A 102 -4.49 -5.30 12.56
N ALA A 103 -5.02 -6.51 12.78
CA ALA A 103 -6.38 -6.60 13.32
C ALA A 103 -6.54 -6.04 14.73
N ASN A 104 -5.47 -6.12 15.54
N ASN A 104 -5.53 -6.12 15.59
CA ASN A 104 -5.46 -5.60 16.92
CA ASN A 104 -5.82 -5.65 16.94
C ASN A 104 -5.98 -4.18 17.00
C ASN A 104 -6.09 -4.15 17.00
N LEU A 105 -5.77 -3.40 15.95
CA LEU A 105 -6.11 -2.00 15.93
C LEU A 105 -7.62 -1.81 16.01
N VAL A 106 -8.34 -2.70 15.34
CA VAL A 106 -9.78 -2.58 15.21
C VAL A 106 -10.45 -3.18 16.44
N PHE A 107 -9.89 -4.26 16.96
CA PHE A 107 -10.47 -4.85 18.15
C PHE A 107 -10.04 -4.04 19.35
N ASN A 108 -10.16 -2.72 19.24
CA ASN A 108 -10.02 -1.79 20.35
C ASN A 108 -11.27 -0.94 20.53
N ASN A 109 -11.76 -0.31 19.47
CA ASN A 109 -13.02 0.40 19.50
C ASN A 109 -14.02 -0.10 18.47
N GLY A 110 -13.76 -1.23 17.83
CA GLY A 110 -14.84 -1.83 17.07
C GLY A 110 -14.62 -1.71 15.57
N ILE A 111 -15.10 -2.71 14.84
CA ILE A 111 -14.86 -2.74 13.39
C ILE A 111 -15.58 -1.58 12.71
N ASP A 112 -16.83 -1.35 13.05
CA ASP A 112 -17.55 -0.31 12.32
C ASP A 112 -16.96 1.07 12.61
N ALA A 113 -16.57 1.33 13.87
CA ALA A 113 -16.02 2.64 14.18
C ALA A 113 -14.71 2.87 13.44
N PHE A 114 -13.89 1.81 13.31
CA PHE A 114 -12.65 1.95 12.54
C PHE A 114 -12.93 2.35 11.09
N TYR A 115 -13.84 1.65 10.42
CA TYR A 115 -14.03 1.97 9.01
C TYR A 115 -14.73 3.31 8.86
N ALA A 116 -15.61 3.66 9.81
CA ALA A 116 -16.19 5.00 9.80
C ALA A 116 -15.11 6.07 9.87
N ARG A 117 -14.08 5.85 10.67
CA ARG A 117 -13.05 6.86 10.82
C ARG A 117 -12.22 6.94 9.55
N CYS A 118 -12.00 5.77 8.89
CA CYS A 118 -11.29 5.76 7.61
C CYS A 118 -12.03 6.59 6.58
N GLU A 119 -13.36 6.39 6.53
CA GLU A 119 -14.19 7.08 5.57
C GLU A 119 -14.13 8.58 5.84
N GLN A 120 -14.16 8.94 7.13
CA GLN A 120 -14.23 10.34 7.53
C GLN A 120 -12.98 11.12 7.12
N VAL A 121 -11.80 10.51 7.21
CA VAL A 121 -10.55 11.20 6.88
C VAL A 121 -10.21 11.03 5.42
N GLY A 122 -10.99 10.25 4.67
CA GLY A 122 -10.78 10.15 3.23
C GLY A 122 -9.87 9.03 2.75
N VAL A 123 -9.69 7.97 3.57
CA VAL A 123 -8.96 6.81 3.09
C VAL A 123 -9.75 6.15 1.98
N ASP A 124 -9.04 5.59 0.98
CA ASP A 124 -9.76 4.86 -0.08
C ASP A 124 -9.86 3.34 0.14
N SER A 125 -8.83 2.72 0.72
CA SER A 125 -8.85 1.27 0.87
C SER A 125 -8.20 0.89 2.20
N VAL A 126 -8.54 -0.30 2.69
CA VAL A 126 -7.96 -0.85 3.90
C VAL A 126 -7.59 -2.29 3.65
N LEU A 127 -6.32 -2.62 3.87
CA LEU A 127 -5.85 -4.00 3.96
C LEU A 127 -5.58 -4.37 5.43
N VAL A 128 -6.37 -5.32 5.98
CA VAL A 128 -6.10 -5.87 7.31
C VAL A 128 -5.19 -7.06 7.03
N ALA A 129 -3.91 -6.87 7.32
CA ALA A 129 -2.87 -7.74 6.78
C ALA A 129 -2.91 -9.15 7.35
N ASP A 130 -3.51 -9.36 8.54
CA ASP A 130 -3.41 -10.62 9.27
C ASP A 130 -4.75 -11.24 9.54
N VAL A 131 -5.69 -11.12 8.60
CA VAL A 131 -7.01 -11.72 8.73
C VAL A 131 -7.15 -12.74 7.61
N PRO A 132 -7.33 -14.04 7.90
CA PRO A 132 -7.57 -15.03 6.82
C PRO A 132 -8.81 -14.70 6.02
N VAL A 133 -8.79 -15.08 4.74
N VAL A 133 -8.82 -15.08 4.74
CA VAL A 133 -9.98 -14.88 3.89
CA VAL A 133 -10.01 -14.83 3.93
C VAL A 133 -11.22 -15.46 4.55
C VAL A 133 -11.23 -15.46 4.57
N GLU A 134 -11.05 -16.62 5.22
CA GLU A 134 -12.16 -17.31 5.87
C GLU A 134 -12.81 -16.52 6.98
N GLU A 135 -12.12 -15.50 7.51
CA GLU A 135 -12.64 -14.68 8.57
C GLU A 135 -12.87 -13.23 8.12
N SER A 136 -12.85 -12.97 6.83
CA SER A 136 -12.80 -11.58 6.38
C SER A 136 -14.15 -10.92 6.27
N ALA A 137 -15.24 -11.70 6.27
CA ALA A 137 -16.54 -11.11 5.99
C ALA A 137 -16.89 -9.89 6.83
N PRO A 138 -16.69 -9.86 8.17
CA PRO A 138 -17.05 -8.65 8.93
C PRO A 138 -16.26 -7.43 8.51
N PHE A 139 -14.99 -7.63 8.11
CA PHE A 139 -14.17 -6.53 7.63
C PHE A 139 -14.62 -6.09 6.26
N ARG A 140 -14.88 -7.04 5.36
CA ARG A 140 -15.33 -6.68 4.01
C ARG A 140 -16.62 -5.90 4.03
N GLN A 141 -17.59 -6.39 4.81
CA GLN A 141 -18.91 -5.76 4.91
C GLN A 141 -18.81 -4.37 5.52
N ALA A 142 -17.99 -4.23 6.57
CA ALA A 142 -17.82 -2.91 7.19
C ALA A 142 -17.17 -1.94 6.23
N ALA A 143 -16.18 -2.42 5.47
CA ALA A 143 -15.57 -1.57 4.45
C ALA A 143 -16.60 -1.08 3.44
N LEU A 144 -17.40 -1.99 2.88
CA LEU A 144 -18.33 -1.58 1.83
C LEU A 144 -19.40 -0.64 2.38
N ARG A 145 -19.85 -0.88 3.61
CA ARG A 145 -20.82 0.01 4.28
C ARG A 145 -20.26 1.42 4.42
N HIS A 146 -18.94 1.57 4.46
CA HIS A 146 -18.35 2.88 4.68
C HIS A 146 -17.60 3.39 3.45
N ASN A 147 -17.94 2.85 2.27
CA ASN A 147 -17.37 3.32 1.01
C ASN A 147 -15.85 3.19 1.00
N ILE A 148 -15.34 2.18 1.69
CA ILE A 148 -13.92 1.83 1.70
C ILE A 148 -13.70 0.56 0.89
N ALA A 149 -12.68 0.58 0.03
CA ALA A 149 -12.30 -0.64 -0.70
C ALA A 149 -11.61 -1.64 0.22
N PRO A 150 -12.15 -2.85 0.37
CA PRO A 150 -11.39 -3.85 1.12
C PRO A 150 -10.41 -4.55 0.21
N ILE A 151 -9.15 -4.59 0.65
CA ILE A 151 -8.05 -5.13 -0.14
C ILE A 151 -7.84 -6.57 0.24
N PHE A 152 -7.81 -7.46 -0.75
CA PHE A 152 -7.47 -8.85 -0.55
C PHE A 152 -6.13 -9.19 -1.17
N ILE A 153 -5.40 -10.05 -0.49
CA ILE A 153 -4.09 -10.49 -0.97
C ILE A 153 -4.23 -11.78 -1.75
N CYS A 154 -3.68 -11.80 -2.97
CA CYS A 154 -3.66 -13.02 -3.75
C CYS A 154 -2.34 -13.69 -3.49
N PRO A 155 -2.32 -14.86 -2.85
CA PRO A 155 -1.05 -15.51 -2.52
C PRO A 155 -0.50 -16.26 -3.72
N PRO A 156 0.75 -16.69 -3.65
CA PRO A 156 1.42 -17.12 -4.89
C PRO A 156 0.92 -18.44 -5.42
N ASN A 157 0.25 -19.26 -4.62
CA ASN A 157 -0.21 -20.54 -5.12
C ASN A 157 -1.71 -20.61 -5.28
N ALA A 158 -2.37 -19.45 -5.43
CA ALA A 158 -3.84 -19.43 -5.35
C ALA A 158 -4.45 -20.35 -6.39
N ASP A 159 -5.34 -21.24 -5.94
CA ASP A 159 -6.10 -22.01 -6.91
C ASP A 159 -7.29 -21.18 -7.42
N ASP A 160 -8.00 -21.74 -8.42
CA ASP A 160 -9.01 -20.92 -9.08
C ASP A 160 -10.17 -20.61 -8.15
N ASP A 161 -10.53 -21.56 -7.27
CA ASP A 161 -11.50 -21.30 -6.21
C ASP A 161 -11.15 -20.00 -5.48
N LEU A 162 -9.91 -19.88 -5.03
CA LEU A 162 -9.53 -18.70 -4.24
C LEU A 162 -9.47 -17.45 -5.12
N LEU A 163 -8.90 -17.58 -6.31
CA LEU A 163 -8.86 -16.47 -7.25
C LEU A 163 -10.26 -15.90 -7.43
N ARG A 164 -11.25 -16.78 -7.61
CA ARG A 164 -12.64 -16.32 -7.72
C ARG A 164 -13.06 -15.53 -6.48
N GLN A 165 -12.71 -16.01 -5.28
CA GLN A 165 -13.07 -15.27 -4.08
C GLN A 165 -12.37 -13.93 -3.99
N VAL A 166 -11.06 -13.92 -4.23
CA VAL A 166 -10.28 -12.67 -4.15
C VAL A 166 -10.81 -11.67 -5.17
N ALA A 167 -11.10 -12.14 -6.38
CA ALA A 167 -11.62 -11.27 -7.44
C ALA A 167 -12.96 -10.64 -7.05
N SER A 168 -13.80 -11.40 -6.34
CA SER A 168 -15.16 -10.99 -6.02
C SER A 168 -15.17 -10.08 -4.82
N TYR A 169 -14.36 -10.40 -3.82
CA TYR A 169 -14.41 -9.69 -2.53
C TYR A 169 -13.71 -8.35 -2.57
N GLY A 170 -12.59 -8.24 -3.29
CA GLY A 170 -11.78 -7.03 -3.21
C GLY A 170 -12.31 -5.94 -4.11
N ARG A 171 -11.80 -4.73 -3.85
CA ARG A 171 -12.09 -3.56 -4.68
C ARG A 171 -10.82 -2.74 -4.69
N GLY A 172 -10.75 -1.81 -5.65
CA GLY A 172 -9.63 -0.85 -5.72
C GLY A 172 -8.42 -1.44 -6.39
N TYR A 173 -7.72 -2.34 -5.70
N TYR A 173 -7.68 -2.32 -5.71
CA TYR A 173 -6.60 -3.06 -6.29
CA TYR A 173 -6.70 -3.13 -6.42
C TYR A 173 -6.59 -4.45 -5.66
C TYR A 173 -6.55 -4.44 -5.67
N THR A 174 -5.96 -5.41 -6.36
CA THR A 174 -5.67 -6.70 -5.77
C THR A 174 -4.21 -6.72 -5.35
N TYR A 175 -3.94 -7.17 -4.13
CA TYR A 175 -2.58 -7.15 -3.60
C TYR A 175 -1.97 -8.51 -3.91
N LEU A 176 -1.15 -8.53 -4.92
CA LEU A 176 -0.66 -9.75 -5.46
C LEU A 176 0.69 -10.06 -4.87
N LEU A 177 0.90 -11.31 -4.47
CA LEU A 177 2.22 -11.74 -4.00
C LEU A 177 2.69 -12.86 -4.93
N SER A 178 3.61 -12.55 -5.83
CA SER A 178 4.07 -13.59 -6.75
C SER A 178 5.43 -13.17 -7.29
N ARG A 179 6.43 -14.02 -7.13
CA ARG A 179 7.80 -13.78 -7.61
C ARG A 179 7.86 -13.46 -9.11
N ALA A 190 3.19 -22.92 -5.73
CA ALA A 190 3.43 -21.63 -6.38
C ALA A 190 3.10 -21.70 -7.87
N LEU A 191 2.65 -20.58 -8.44
CA LEU A 191 2.12 -20.45 -9.79
C LEU A 191 2.84 -19.33 -10.53
N PRO A 192 2.95 -19.41 -11.87
CA PRO A 192 3.60 -18.33 -12.62
C PRO A 192 2.90 -16.99 -12.43
N LEU A 193 3.70 -15.92 -12.40
CA LEU A 193 3.15 -14.57 -12.22
C LEU A 193 2.10 -14.26 -13.29
N HIS A 194 2.42 -14.51 -14.56
CA HIS A 194 1.49 -14.15 -15.61
C HIS A 194 0.20 -14.97 -15.54
N HIS A 195 0.25 -16.17 -14.94
CA HIS A 195 -0.96 -17.00 -14.79
C HIS A 195 -1.92 -16.41 -13.76
N LEU A 196 -1.41 -16.03 -12.58
CA LEU A 196 -2.25 -15.34 -11.62
C LEU A 196 -2.83 -14.08 -12.22
N ILE A 197 -1.99 -13.30 -12.90
CA ILE A 197 -2.47 -12.05 -13.47
C ILE A 197 -3.59 -12.33 -14.44
N GLU A 198 -3.40 -13.32 -15.33
CA GLU A 198 -4.42 -13.58 -16.34
C GLU A 198 -5.72 -14.05 -15.73
N LYS A 199 -5.65 -14.95 -14.75
CA LYS A 199 -6.85 -15.45 -14.09
C LYS A 199 -7.57 -14.36 -13.33
N LEU A 200 -6.84 -13.50 -12.61
CA LEU A 200 -7.50 -12.38 -11.95
C LEU A 200 -8.26 -11.51 -12.93
N LYS A 201 -7.70 -11.33 -14.14
CA LYS A 201 -8.42 -10.54 -15.13
C LYS A 201 -9.63 -11.29 -15.65
N GLU A 202 -9.50 -12.61 -15.83
CA GLU A 202 -10.62 -13.43 -16.25
C GLU A 202 -11.78 -13.30 -15.28
N TYR A 203 -11.49 -13.25 -13.98
CA TYR A 203 -12.53 -13.15 -12.95
C TYR A 203 -12.88 -11.70 -12.57
N HIS A 204 -12.46 -10.72 -13.37
CA HIS A 204 -12.85 -9.32 -13.19
C HIS A 204 -12.42 -8.77 -11.84
N ALA A 205 -11.23 -9.19 -11.40
CA ALA A 205 -10.67 -8.70 -10.16
C ALA A 205 -10.22 -7.24 -10.30
N ALA A 206 -10.16 -6.56 -9.17
CA ALA A 206 -9.52 -5.24 -9.14
C ALA A 206 -8.11 -5.34 -9.69
N PRO A 207 -7.59 -4.28 -10.33
CA PRO A 207 -6.28 -4.40 -10.98
C PRO A 207 -5.20 -4.86 -10.02
N ALA A 208 -4.32 -5.74 -10.49
CA ALA A 208 -3.32 -6.36 -9.62
C ALA A 208 -2.07 -5.49 -9.46
N LEU A 209 -1.65 -5.29 -8.22
CA LEU A 209 -0.36 -4.66 -7.91
C LEU A 209 0.52 -5.74 -7.31
N GLN A 210 1.63 -6.02 -7.97
CA GLN A 210 2.60 -7.00 -7.50
C GLN A 210 3.35 -6.40 -6.32
N GLY A 211 3.23 -7.04 -5.13
CA GLY A 211 3.85 -6.48 -3.94
C GLY A 211 4.96 -7.32 -3.32
N PHE A 212 5.30 -8.45 -3.94
CA PHE A 212 6.35 -9.30 -3.38
C PHE A 212 7.73 -8.85 -3.88
N GLY A 213 8.61 -8.52 -2.95
CA GLY A 213 9.99 -8.31 -3.32
C GLY A 213 10.26 -7.12 -4.22
N ILE A 214 9.47 -6.07 -4.11
CA ILE A 214 9.60 -4.93 -5.02
C ILE A 214 10.66 -4.02 -4.40
N SER A 215 11.93 -4.38 -4.62
CA SER A 215 13.02 -3.70 -3.96
C SER A 215 13.70 -2.65 -4.80
N SER A 216 13.61 -2.74 -6.11
CA SER A 216 14.39 -1.85 -6.95
C SER A 216 13.76 -1.87 -8.35
N PRO A 217 14.22 -1.02 -9.26
CA PRO A 217 13.54 -0.91 -10.58
C PRO A 217 13.30 -2.22 -11.32
N GLU A 218 14.23 -3.17 -11.23
N GLU A 218 14.23 -3.17 -11.22
CA GLU A 218 14.05 -4.39 -12.01
CA GLU A 218 14.06 -4.40 -11.98
C GLU A 218 12.74 -5.10 -11.68
C GLU A 218 12.72 -5.08 -11.68
N GLN A 219 12.33 -5.13 -10.41
CA GLN A 219 11.13 -5.87 -10.05
C GLN A 219 9.88 -5.12 -10.48
N VAL A 220 9.94 -3.79 -10.55
CA VAL A 220 8.81 -3.04 -11.08
C VAL A 220 8.66 -3.36 -12.53
N SER A 221 9.76 -3.34 -13.26
CA SER A 221 9.71 -3.62 -14.68
C SER A 221 9.20 -5.02 -14.97
N ALA A 222 9.66 -6.01 -14.19
CA ALA A 222 9.19 -7.38 -14.37
C ALA A 222 7.70 -7.48 -14.14
N ALA A 223 7.21 -6.78 -13.11
CA ALA A 223 5.79 -6.87 -12.80
C ALA A 223 4.93 -6.31 -13.95
N VAL A 224 5.28 -5.14 -14.47
N VAL A 224 5.31 -5.15 -14.49
CA VAL A 224 4.48 -4.59 -15.55
CA VAL A 224 4.50 -4.56 -15.54
C VAL A 224 4.60 -5.44 -16.81
C VAL A 224 4.66 -5.31 -16.86
N ARG A 225 5.81 -5.95 -17.10
CA ARG A 225 5.99 -6.73 -18.32
C ARG A 225 5.17 -8.01 -18.27
N ALA A 226 4.96 -8.56 -17.08
CA ALA A 226 4.09 -9.72 -16.89
C ALA A 226 2.62 -9.36 -16.94
N GLY A 227 2.26 -8.10 -17.06
CA GLY A 227 0.87 -7.75 -17.17
C GLY A 227 0.23 -7.18 -15.93
N ALA A 228 0.98 -7.02 -14.84
CA ALA A 228 0.34 -6.44 -13.69
C ALA A 228 0.09 -4.95 -13.92
N ALA A 229 -0.87 -4.40 -13.15
CA ALA A 229 -1.21 -2.99 -13.29
C ALA A 229 -0.20 -2.10 -12.59
N GLY A 230 0.72 -2.68 -11.83
CA GLY A 230 1.68 -1.89 -11.09
C GLY A 230 2.34 -2.74 -10.03
N ALA A 231 3.05 -2.06 -9.16
CA ALA A 231 3.81 -2.71 -8.08
C ALA A 231 3.73 -1.88 -6.82
N ILE A 232 3.74 -2.57 -5.69
CA ILE A 232 3.82 -1.97 -4.36
C ILE A 232 5.16 -2.33 -3.78
N SER A 233 5.86 -1.31 -3.25
CA SER A 233 7.20 -1.48 -2.67
C SER A 233 6.98 -1.56 -1.18
N GLY A 234 7.00 -2.79 -0.68
CA GLY A 234 6.60 -3.01 0.71
C GLY A 234 7.59 -2.52 1.73
N SER A 235 8.90 -2.50 1.40
CA SER A 235 9.89 -2.09 2.40
C SER A 235 11.03 -1.24 1.88
N ALA A 236 11.20 -1.10 0.57
CA ALA A 236 12.34 -0.36 0.06
C ALA A 236 12.33 1.12 0.44
N ILE A 237 11.16 1.76 0.53
N ILE A 237 11.15 1.76 0.51
CA ILE A 237 11.17 3.16 0.97
CA ILE A 237 11.13 3.15 0.96
C ILE A 237 11.61 3.24 2.42
C ILE A 237 11.56 3.26 2.41
N VAL A 238 11.06 2.35 3.25
CA VAL A 238 11.42 2.35 4.66
C VAL A 238 12.91 2.16 4.85
N LYS A 239 13.53 1.31 4.03
CA LYS A 239 14.97 1.11 4.14
C LYS A 239 15.77 2.40 3.87
N ILE A 240 15.33 3.20 2.89
CA ILE A 240 15.95 4.50 2.64
C ILE A 240 15.78 5.43 3.83
N ILE A 241 14.59 5.42 4.45
CA ILE A 241 14.40 6.21 5.67
C ILE A 241 15.42 5.78 6.73
N GLU A 242 15.48 4.47 7.03
CA GLU A 242 16.39 3.99 8.06
C GLU A 242 17.84 4.37 7.78
N LYS A 243 18.26 4.28 6.52
CA LYS A 243 19.67 4.48 6.24
C LYS A 243 20.06 5.95 6.25
N ASN A 244 19.11 6.85 6.24
CA ASN A 244 19.38 8.27 6.12
C ASN A 244 18.84 9.05 7.29
N LEU A 245 18.63 8.38 8.45
CA LEU A 245 17.94 9.02 9.57
C LEU A 245 18.61 10.32 10.00
N ALA A 246 19.95 10.37 9.93
CA ALA A 246 20.68 11.49 10.49
C ALA A 246 20.64 12.70 9.58
N SER A 247 20.12 12.54 8.38
CA SER A 247 20.16 13.60 7.37
C SER A 247 18.84 13.64 6.61
N PRO A 248 17.86 14.39 7.12
CA PRO A 248 16.59 14.55 6.41
C PRO A 248 16.73 15.04 4.96
N LYS A 249 17.62 15.99 4.68
CA LYS A 249 17.77 16.49 3.31
C LYS A 249 18.21 15.37 2.39
N GLN A 250 19.22 14.61 2.81
N GLN A 250 19.20 14.59 2.81
CA GLN A 250 19.70 13.49 2.02
CA GLN A 250 19.65 13.50 1.94
C GLN A 250 18.61 12.43 1.90
C GLN A 250 18.61 12.40 1.89
N MET A 251 17.88 12.19 2.98
CA MET A 251 16.80 11.22 2.96
C MET A 251 15.80 11.58 1.89
N LEU A 252 15.37 12.85 1.85
CA LEU A 252 14.35 13.23 0.89
C LEU A 252 14.89 13.22 -0.52
N ALA A 253 16.18 13.58 -0.69
CA ALA A 253 16.78 13.51 -2.02
C ALA A 253 16.87 12.06 -2.51
N GLU A 254 17.23 11.12 -1.62
CA GLU A 254 17.33 9.74 -2.05
C GLU A 254 15.97 9.17 -2.33
N LEU A 255 14.94 9.62 -1.60
CA LEU A 255 13.60 9.14 -1.88
C LEU A 255 13.18 9.62 -3.27
N ARG A 256 13.51 10.85 -3.60
CA ARG A 256 13.13 11.40 -4.88
C ARG A 256 13.78 10.64 -6.04
N SER A 257 15.08 10.39 -5.96
N SER A 257 15.08 10.35 -5.96
CA SER A 257 15.73 9.59 -6.99
CA SER A 257 15.71 9.58 -7.04
C SER A 257 15.09 8.20 -7.08
C SER A 257 15.21 8.13 -7.09
N PHE A 258 14.91 7.55 -5.92
CA PHE A 258 14.32 6.23 -5.90
C PHE A 258 12.97 6.22 -6.58
N VAL A 259 12.05 7.10 -6.18
CA VAL A 259 10.73 7.07 -6.80
C VAL A 259 10.85 7.33 -8.30
N SER A 260 11.75 8.24 -8.68
N SER A 260 11.75 8.23 -8.70
CA SER A 260 11.98 8.54 -10.08
CA SER A 260 11.94 8.51 -10.11
C SER A 260 12.39 7.29 -10.85
C SER A 260 12.38 7.27 -10.87
N ALA A 261 13.33 6.50 -10.27
CA ALA A 261 13.80 5.28 -10.93
C ALA A 261 12.72 4.22 -10.97
N MET A 262 11.92 4.08 -9.90
CA MET A 262 10.84 3.11 -9.94
C MET A 262 9.76 3.48 -10.97
N LYS A 263 9.47 4.78 -11.09
CA LYS A 263 8.53 5.15 -12.16
C LYS A 263 9.10 4.97 -13.56
N ALA A 264 10.41 5.21 -13.75
CA ALA A 264 11.01 4.86 -15.04
C ALA A 264 10.76 3.40 -15.38
N ALA A 265 10.95 2.51 -14.42
CA ALA A 265 10.78 1.09 -14.64
C ALA A 265 9.33 0.75 -14.94
N SER A 266 8.40 1.58 -14.45
CA SER A 266 6.97 1.32 -14.68
C SER A 266 6.53 1.69 -16.08
N ARG A 267 7.39 2.32 -16.85
CA ARG A 267 7.06 2.56 -18.24
C ARG A 267 7.51 1.40 -19.16
N ALA A 268 8.04 0.30 -18.59
CA ALA A 268 8.58 -0.87 -19.36
C ALA A 268 7.49 -1.69 -20.06
#